data_1SR0
#
_entry.id   1SR0
#
_cell.length_a   62.793
_cell.length_b   66.386
_cell.length_c   107.896
_cell.angle_alpha   90.00
_cell.angle_beta   90.00
_cell.angle_gamma   90.00
#
_symmetry.space_group_name_H-M   'P 21 21 21'
#
loop_
_entity.id
_entity.type
_entity.pdbx_description
1 polymer 'signal processing protein'
2 branched beta-D-mannopyranose-(1-4)-beta-D-mannopyranose-(1-3)-beta-D-mannopyranose-(1-4)-2-acetamido-2-deoxy-alpha-D-glucopyranose-(1-4)-2-acetamido-2-deoxy-beta-D-glucopyranose
3 water water
#
_entity_poly.entity_id   1
_entity_poly.type   'polypeptide(L)'
_entity_poly.pdbx_seq_one_letter_code
;YKLICYYTSWSQYREGDGSCFPDAIDPFLCTHVIYSFANISNNEIDTWEWNDVTLYDTLNTLKNRNPKLKTLLSVGGWNF
GPERFSAIASKTQSRRTFIKSVPPFLRTHGFDGLDLAWLYPGRRDKRHLTTLVKEMKAEFIREAQAGTEQLLLSAAVSAG
KIAIDRGYDIAQISRHLDFISLLTYDFHGAWRQTVGHHSPLFAGNEDASSRFSNADYAVSYMLRLGAPANKLVMGIPTFG
RSFTLASSKTDVGAPVSGPGVPGRFTKEKGILAYYEICDFLHGATTHRFRDQQVPYATKGNQWVAYDDQESVKNKARYLK
NRQLAGAMVWALDLDDFRGTFCGQNLTFPLTSAVKDVLAEV
;
_entity_poly.pdbx_strand_id   A
#
loop_
_chem_comp.id
_chem_comp.type
_chem_comp.name
_chem_comp.formula
BMA D-saccharide, beta linking beta-D-mannopyranose 'C6 H12 O6'
NAG D-saccharide, beta linking 2-acetamido-2-deoxy-beta-D-glucopyranose 'C8 H15 N O6'
NDG D-saccharide, alpha linking 2-acetamido-2-deoxy-alpha-D-glucopyranose 'C8 H15 N O6'
#
# COMPACT_ATOMS: atom_id res chain seq x y z
N TYR A 1 -11.09 -0.59 14.86
CA TYR A 1 -10.65 -0.38 13.43
C TYR A 1 -9.29 0.24 13.23
N LYS A 2 -8.48 -0.40 12.39
CA LYS A 2 -7.20 0.09 11.97
C LYS A 2 -7.13 0.94 10.69
N LEU A 3 -6.16 1.84 10.62
CA LEU A 3 -5.96 2.55 9.40
C LEU A 3 -4.46 2.59 9.19
N ILE A 4 -3.93 1.71 8.37
CA ILE A 4 -2.50 1.69 8.16
C ILE A 4 -2.12 2.62 6.96
N CYS A 5 -1.30 3.63 7.25
CA CYS A 5 -0.91 4.59 6.23
C CYS A 5 0.58 4.61 5.96
N TYR A 6 0.94 4.48 4.68
CA TYR A 6 2.32 4.45 4.20
C TYR A 6 2.91 5.89 3.92
N TYR A 7 4.20 6.04 4.14
CA TYR A 7 4.82 7.29 3.82
C TYR A 7 6.09 6.87 3.08
N THR A 8 6.31 7.41 1.86
CA THR A 8 7.49 7.01 1.11
C THR A 8 8.52 8.05 1.11
N SER A 9 9.76 7.64 1.31
CA SER A 9 10.93 8.47 1.39
C SER A 9 11.13 9.39 0.22
N TRP A 10 11.01 8.81 -0.95
CA TRP A 10 11.29 9.54 -2.15
C TRP A 10 10.35 10.71 -2.36
N SER A 11 9.25 10.82 -1.64
CA SER A 11 8.33 11.91 -1.87
C SER A 11 8.92 13.29 -1.48
N GLN A 12 9.97 13.30 -0.70
CA GLN A 12 10.51 14.57 -0.26
C GLN A 12 11.03 15.34 -1.41
N TYR A 13 11.77 14.67 -2.24
CA TYR A 13 12.44 15.31 -3.38
C TYR A 13 11.52 15.88 -4.45
N ARG A 14 10.22 15.64 -4.38
CA ARG A 14 9.32 16.19 -5.37
C ARG A 14 9.41 17.69 -5.25
N GLU A 15 9.22 18.40 -6.35
CA GLU A 15 9.27 19.85 -6.33
C GLU A 15 7.93 20.51 -6.06
N GLY A 16 8.01 21.80 -5.90
CA GLY A 16 6.82 22.58 -5.64
C GLY A 16 6.18 22.06 -4.40
N ASP A 17 4.87 22.10 -4.40
CA ASP A 17 4.08 21.62 -3.27
C ASP A 17 4.21 20.12 -3.21
N GLY A 18 4.53 19.52 -4.31
CA GLY A 18 4.66 18.09 -4.30
C GLY A 18 5.57 17.57 -3.21
N SER A 19 6.46 18.42 -2.70
CA SER A 19 7.39 17.99 -1.70
C SER A 19 6.61 17.65 -0.45
N CYS A 20 6.96 16.54 0.23
CA CYS A 20 6.26 16.08 1.42
C CYS A 20 7.17 15.45 2.41
N PHE A 21 7.03 15.83 3.66
CA PHE A 21 7.86 15.34 4.75
C PHE A 21 6.97 14.83 5.89
N PRO A 22 7.46 13.93 6.73
CA PRO A 22 6.63 13.34 7.77
C PRO A 22 6.05 14.43 8.51
N ASP A 23 6.82 15.49 8.44
CA ASP A 23 6.51 16.77 9.06
C ASP A 23 5.04 17.20 8.87
N ALA A 24 4.43 16.82 7.76
CA ALA A 24 3.09 17.23 7.35
C ALA A 24 2.04 16.23 7.61
N ILE A 25 2.34 15.16 8.33
CA ILE A 25 1.36 14.08 8.53
C ILE A 25 0.57 14.37 9.74
N ASP A 26 -0.74 14.36 9.64
CA ASP A 26 -1.64 14.61 10.78
C ASP A 26 -1.67 13.52 11.82
N PRO A 27 -1.03 13.75 12.92
CA PRO A 27 -0.77 12.75 13.94
C PRO A 27 -1.96 11.96 14.34
N PHE A 28 -3.14 12.56 14.43
CA PHE A 28 -4.34 11.79 14.77
C PHE A 28 -5.15 11.12 13.61
N LEU A 29 -4.68 11.24 12.38
CA LEU A 29 -5.38 10.70 11.21
C LEU A 29 -5.36 9.21 11.22
N CYS A 30 -4.20 8.61 11.03
CA CYS A 30 -4.12 7.17 11.05
C CYS A 30 -3.79 6.54 12.45
N THR A 31 -3.76 5.21 12.53
CA THR A 31 -3.38 4.53 13.78
C THR A 31 -1.97 3.90 13.68
N HIS A 32 -1.46 3.79 12.44
CA HIS A 32 -0.19 3.16 12.09
C HIS A 32 0.44 3.85 10.87
N VAL A 33 1.65 4.35 10.99
CA VAL A 33 2.21 4.97 9.85
C VAL A 33 3.44 4.15 9.52
N ILE A 34 3.71 3.92 8.23
CA ILE A 34 4.83 3.10 7.82
C ILE A 34 5.78 3.82 6.92
N TYR A 35 6.99 4.00 7.37
CA TYR A 35 8.00 4.70 6.66
C TYR A 35 8.24 3.73 5.59
N SER A 36 8.24 4.22 4.35
CA SER A 36 8.38 3.36 3.19
C SER A 36 9.73 3.13 2.51
N PHE A 37 10.19 1.91 2.83
CA PHE A 37 11.37 1.19 2.36
C PHE A 37 12.72 1.49 2.97
N ALA A 38 13.22 0.47 3.69
CA ALA A 38 14.50 0.47 4.34
C ALA A 38 15.25 -0.47 3.48
N ASN A 39 16.58 -0.38 3.49
CA ASN A 39 17.44 -1.21 2.66
C ASN A 39 17.88 -2.39 3.44
N ILE A 40 18.68 -3.28 2.86
CA ILE A 40 19.29 -4.41 3.54
C ILE A 40 20.69 -4.52 2.95
N SER A 41 21.72 -4.53 3.80
CA SER A 41 23.12 -4.67 3.40
C SER A 41 23.91 -5.49 4.36
N ASN A 42 24.73 -6.39 3.82
CA ASN A 42 25.50 -7.27 4.68
C ASN A 42 24.51 -7.94 5.59
N ASN A 43 23.40 -8.25 4.96
CA ASN A 43 22.30 -9.00 5.55
C ASN A 43 21.67 -8.33 6.72
N GLU A 44 21.97 -7.07 6.87
CA GLU A 44 21.43 -6.38 7.98
C GLU A 44 20.44 -5.32 7.49
N ILE A 45 19.40 -5.06 8.26
CA ILE A 45 18.45 -4.03 7.88
C ILE A 45 19.23 -2.72 7.87
N ASP A 46 18.85 -1.78 7.03
CA ASP A 46 19.60 -0.55 6.99
C ASP A 46 18.81 0.58 6.32
N THR A 47 19.34 1.79 6.40
CA THR A 47 18.70 2.95 5.85
C THR A 47 18.77 2.92 4.38
N TRP A 48 18.09 3.87 3.72
CA TRP A 48 18.06 3.99 2.27
C TRP A 48 18.59 5.38 1.84
N GLU A 49 17.83 6.42 2.21
CA GLU A 49 18.08 7.79 1.87
C GLU A 49 19.15 8.28 2.80
N TRP A 50 19.76 9.33 2.32
CA TRP A 50 20.84 9.96 3.04
C TRP A 50 20.36 10.62 4.33
N ASN A 51 19.07 10.76 4.53
CA ASN A 51 18.61 11.45 5.69
C ASN A 51 17.49 10.76 6.41
N ASP A 52 17.37 9.48 6.30
CA ASP A 52 16.27 8.82 7.00
C ASP A 52 16.40 8.94 8.51
N VAL A 53 17.59 8.82 9.02
CA VAL A 53 17.70 8.97 10.44
C VAL A 53 17.01 10.30 10.78
N THR A 54 17.13 11.31 9.96
CA THR A 54 16.49 12.55 10.27
C THR A 54 14.98 12.46 10.14
N LEU A 55 14.53 12.01 8.98
CA LEU A 55 13.11 11.88 8.72
C LEU A 55 12.50 10.89 9.66
N TYR A 56 13.29 9.90 10.10
CA TYR A 56 12.85 8.86 11.01
C TYR A 56 12.37 9.52 12.27
N ASP A 57 13.29 10.37 12.73
CA ASP A 57 13.19 11.21 13.94
C ASP A 57 11.95 12.07 13.88
N THR A 58 11.76 12.70 12.72
CA THR A 58 10.68 13.58 12.47
C THR A 58 9.29 12.99 12.47
N LEU A 59 9.16 11.70 12.06
CA LEU A 59 7.91 10.90 11.98
C LEU A 59 7.62 10.33 13.34
N ASN A 60 8.66 9.84 13.98
CA ASN A 60 8.49 9.30 15.30
C ASN A 60 8.18 10.40 16.32
N THR A 61 8.50 11.63 15.99
CA THR A 61 8.13 12.71 16.92
C THR A 61 6.60 12.99 17.02
N LEU A 62 5.87 12.53 16.03
CA LEU A 62 4.44 12.73 15.95
C LEU A 62 3.77 12.02 17.06
N LYS A 63 4.52 11.17 17.73
CA LYS A 63 3.96 10.37 18.79
C LYS A 63 4.04 11.19 20.02
N ASN A 64 4.63 12.37 19.90
CA ASN A 64 4.70 13.21 21.06
C ASN A 64 3.38 13.88 21.30
N ARG A 65 2.60 13.94 20.24
CA ARG A 65 1.27 14.52 20.31
C ARG A 65 0.21 13.44 20.45
N ASN A 66 0.39 12.33 19.72
CA ASN A 66 -0.58 11.21 19.80
C ASN A 66 0.03 9.89 20.30
N PRO A 67 0.13 9.79 21.63
CA PRO A 67 0.64 8.59 22.28
C PRO A 67 0.18 7.29 21.72
N LYS A 68 -1.00 7.27 21.12
CA LYS A 68 -1.56 6.04 20.62
C LYS A 68 -0.99 5.70 19.22
N LEU A 69 -0.37 6.65 18.58
CA LEU A 69 0.22 6.38 17.28
C LEU A 69 1.27 5.29 17.37
N LYS A 70 1.34 4.42 16.38
CA LYS A 70 2.38 3.43 16.26
C LYS A 70 3.04 3.55 14.86
N THR A 71 4.34 3.29 14.77
CA THR A 71 5.08 3.46 13.52
C THR A 71 5.88 2.23 13.22
N LEU A 72 5.98 1.89 11.95
CA LEU A 72 6.69 0.68 11.50
C LEU A 72 7.57 1.07 10.34
N LEU A 73 8.66 0.33 10.14
CA LEU A 73 9.62 0.61 9.06
C LEU A 73 9.43 -0.50 8.06
N SER A 74 9.17 -0.18 6.80
CA SER A 74 9.01 -1.22 5.81
C SER A 74 10.37 -1.69 5.21
N VAL A 75 10.38 -2.93 4.68
CA VAL A 75 11.61 -3.49 4.13
C VAL A 75 11.22 -3.98 2.79
N GLY A 76 12.07 -3.82 1.81
CA GLY A 76 11.75 -4.28 0.51
C GLY A 76 11.37 -3.14 -0.39
N GLY A 77 10.17 -3.16 -0.93
CA GLY A 77 9.73 -2.14 -1.87
C GLY A 77 9.88 -2.58 -3.30
N TRP A 78 9.38 -1.77 -4.23
CA TRP A 78 9.42 -2.11 -5.66
C TRP A 78 10.79 -1.96 -6.27
N ASN A 79 11.57 -1.02 -5.76
CA ASN A 79 12.91 -0.80 -6.31
C ASN A 79 13.95 -1.54 -5.52
N PHE A 80 13.59 -2.75 -5.12
CA PHE A 80 14.44 -3.62 -4.35
C PHE A 80 14.24 -5.00 -4.99
N GLY A 81 15.24 -5.45 -5.74
CA GLY A 81 15.15 -6.76 -6.41
C GLY A 81 14.72 -7.95 -5.56
N PRO A 82 13.61 -8.60 -5.93
CA PRO A 82 13.09 -9.76 -5.20
C PRO A 82 14.16 -10.83 -4.96
N GLU A 83 15.07 -10.88 -5.89
CA GLU A 83 16.12 -11.78 -5.74
C GLU A 83 16.75 -11.51 -4.41
N ARG A 84 17.13 -10.26 -4.17
CA ARG A 84 17.79 -9.95 -2.90
C ARG A 84 17.02 -10.52 -1.68
N PHE A 85 15.70 -10.54 -1.69
CA PHE A 85 15.03 -11.10 -0.54
C PHE A 85 15.29 -12.59 -0.51
N SER A 86 14.94 -13.24 -1.64
CA SER A 86 15.10 -14.66 -1.87
C SER A 86 16.49 -15.14 -1.42
N ALA A 87 17.52 -14.45 -1.88
CA ALA A 87 18.90 -14.75 -1.46
C ALA A 87 19.09 -14.71 0.06
N ILE A 88 18.61 -13.66 0.69
CA ILE A 88 18.69 -13.58 2.12
C ILE A 88 17.96 -14.72 2.79
N ALA A 89 16.69 -14.87 2.46
CA ALA A 89 15.86 -15.85 3.12
C ALA A 89 16.02 -17.28 2.83
N SER A 90 16.87 -17.69 1.88
CA SER A 90 17.14 -19.13 1.52
C SER A 90 18.32 -19.79 2.22
N LYS A 91 19.18 -18.94 2.74
CA LYS A 91 20.32 -19.38 3.47
C LYS A 91 20.14 -19.01 4.95
N THR A 92 19.73 -19.98 5.76
CA THR A 92 19.57 -19.76 7.20
C THR A 92 20.56 -18.78 7.79
N GLN A 93 21.80 -18.92 7.40
CA GLN A 93 22.81 -18.03 7.89
C GLN A 93 22.36 -16.58 7.67
N SER A 94 22.19 -16.21 6.40
CA SER A 94 21.79 -14.87 5.97
C SER A 94 20.53 -14.46 6.71
N ARG A 95 19.55 -15.36 6.75
CA ARG A 95 18.28 -15.11 7.39
C ARG A 95 18.41 -14.68 8.84
N ARG A 96 18.99 -15.55 9.64
CA ARG A 96 19.14 -15.25 11.01
C ARG A 96 20.00 -14.01 11.18
N THR A 97 21.07 -13.92 10.41
CA THR A 97 21.88 -12.71 10.46
C THR A 97 21.01 -11.48 10.33
N PHE A 98 20.17 -11.48 9.32
CA PHE A 98 19.28 -10.39 9.05
C PHE A 98 18.42 -10.15 10.23
N ILE A 99 17.73 -11.17 10.66
CA ILE A 99 16.86 -11.05 11.81
C ILE A 99 17.49 -10.44 13.05
N LYS A 100 18.49 -11.08 13.62
CA LYS A 100 19.09 -10.56 14.85
C LYS A 100 19.51 -9.10 14.69
N SER A 101 19.68 -8.67 13.48
CA SER A 101 19.86 -7.26 13.29
C SER A 101 18.65 -6.31 13.25
N VAL A 102 17.44 -6.75 13.52
CA VAL A 102 16.31 -5.82 13.33
C VAL A 102 15.82 -5.12 14.56
N PRO A 103 15.52 -5.84 15.64
CA PRO A 103 15.00 -5.21 16.84
C PRO A 103 15.84 -3.97 17.32
N PRO A 104 17.13 -4.13 17.46
CA PRO A 104 17.92 -3.03 17.89
C PRO A 104 17.74 -1.91 16.92
N PHE A 105 17.59 -2.22 15.64
CA PHE A 105 17.48 -1.08 14.72
C PHE A 105 16.26 -0.22 15.10
N LEU A 106 15.13 -0.90 15.19
CA LEU A 106 13.86 -0.28 15.56
C LEU A 106 13.86 0.37 16.92
N ARG A 107 14.49 -0.25 17.87
CA ARG A 107 14.53 0.28 19.22
C ARG A 107 15.35 1.53 19.15
N THR A 108 16.45 1.43 18.44
CA THR A 108 17.32 2.55 18.30
C THR A 108 16.54 3.65 17.67
N HIS A 109 15.81 3.42 16.59
CA HIS A 109 15.14 4.55 15.91
C HIS A 109 13.70 4.91 16.23
N GLY A 110 13.15 4.32 17.26
CA GLY A 110 11.80 4.66 17.69
C GLY A 110 10.62 3.99 17.12
N PHE A 111 10.81 3.00 16.28
CA PHE A 111 9.72 2.28 15.59
C PHE A 111 9.09 1.26 16.51
N ASP A 112 7.83 0.92 16.23
CA ASP A 112 7.11 -0.07 17.02
C ASP A 112 6.97 -1.38 16.26
N GLY A 113 7.52 -1.43 15.06
CA GLY A 113 7.44 -2.67 14.32
C GLY A 113 8.13 -2.69 12.98
N LEU A 114 8.31 -3.91 12.44
CA LEU A 114 8.95 -4.03 11.14
C LEU A 114 7.88 -4.41 10.14
N ASP A 115 7.98 -3.96 8.90
CA ASP A 115 6.98 -4.37 7.90
C ASP A 115 7.69 -5.07 6.76
N LEU A 116 7.22 -6.28 6.34
CA LEU A 116 7.83 -7.02 5.24
C LEU A 116 7.08 -6.78 3.94
N ALA A 117 7.71 -6.02 3.06
CA ALA A 117 7.11 -5.74 1.76
C ALA A 117 7.97 -6.41 0.68
N TRP A 118 8.16 -7.70 0.82
CA TRP A 118 8.81 -8.53 -0.17
C TRP A 118 7.90 -8.56 -1.41
N LEU A 119 8.23 -7.80 -2.44
CA LEU A 119 7.29 -7.64 -3.53
C LEU A 119 7.34 -8.81 -4.46
N TYR A 120 6.54 -9.78 -4.05
CA TYR A 120 6.20 -10.95 -4.78
C TYR A 120 7.27 -11.98 -4.73
N PRO A 121 7.07 -12.93 -3.84
CA PRO A 121 7.90 -14.12 -3.73
C PRO A 121 7.49 -15.13 -4.77
N GLY A 122 8.42 -15.99 -5.16
CA GLY A 122 8.18 -16.94 -6.24
C GLY A 122 7.63 -18.27 -5.76
N ARG A 123 7.62 -19.25 -6.66
CA ARG A 123 7.19 -20.65 -6.45
C ARG A 123 8.19 -21.26 -5.50
N ARG A 124 9.46 -20.96 -5.78
CA ARG A 124 10.60 -21.47 -5.05
C ARG A 124 10.85 -20.72 -3.76
N ASP A 125 10.00 -19.78 -3.39
CA ASP A 125 10.27 -18.98 -2.21
C ASP A 125 9.30 -19.15 -1.07
N LYS A 126 8.16 -19.75 -1.34
CA LYS A 126 7.11 -19.95 -0.34
C LYS A 126 7.64 -20.54 1.01
N ARG A 127 8.36 -21.67 0.91
CA ARG A 127 8.92 -22.39 2.05
C ARG A 127 9.84 -21.54 2.91
N HIS A 128 10.50 -20.59 2.30
CA HIS A 128 11.42 -19.76 3.03
C HIS A 128 10.75 -18.53 3.56
N LEU A 129 9.80 -17.97 2.82
CA LEU A 129 9.03 -16.87 3.33
C LEU A 129 8.42 -17.33 4.64
N THR A 130 7.86 -18.52 4.67
CA THR A 130 7.31 -19.01 5.92
C THR A 130 8.31 -19.07 7.00
N THR A 131 9.53 -19.21 6.64
CA THR A 131 10.52 -19.29 7.66
C THR A 131 10.81 -17.97 8.25
N LEU A 132 11.13 -17.02 7.38
CA LEU A 132 11.44 -15.63 7.73
C LEU A 132 10.42 -15.13 8.71
N VAL A 133 9.16 -15.22 8.33
CA VAL A 133 8.09 -14.83 9.21
C VAL A 133 8.19 -15.51 10.53
N LYS A 134 8.19 -16.83 10.54
CA LYS A 134 8.33 -17.58 11.82
C LYS A 134 9.45 -17.07 12.74
N GLU A 135 10.66 -17.10 12.21
CA GLU A 135 11.81 -16.91 13.04
C GLU A 135 11.78 -15.44 13.49
N MET A 136 11.55 -14.56 12.53
CA MET A 136 11.49 -13.13 12.76
C MET A 136 10.59 -12.88 13.92
N LYS A 137 9.41 -13.47 13.85
CA LYS A 137 8.44 -13.31 14.94
C LYS A 137 8.94 -13.99 16.23
N ALA A 138 9.57 -15.14 16.14
CA ALA A 138 10.05 -15.75 17.34
C ALA A 138 10.97 -14.81 18.06
N GLU A 139 11.85 -14.11 17.30
CA GLU A 139 12.85 -13.16 17.82
C GLU A 139 12.15 -12.00 18.44
N PHE A 140 11.11 -11.52 17.81
CA PHE A 140 10.42 -10.36 18.37
C PHE A 140 9.82 -10.72 19.74
N ILE A 141 9.47 -11.97 19.92
CA ILE A 141 8.90 -12.45 21.19
C ILE A 141 9.97 -12.54 22.24
N ARG A 142 11.06 -13.16 21.90
CA ARG A 142 12.16 -13.32 22.83
C ARG A 142 12.73 -11.97 23.26
N GLU A 143 12.42 -10.92 22.56
CA GLU A 143 13.01 -9.64 22.92
C GLU A 143 12.09 -8.92 23.85
N ALA A 144 10.80 -9.22 23.84
CA ALA A 144 9.92 -8.55 24.78
C ALA A 144 10.36 -8.89 26.19
N GLN A 145 11.05 -10.02 26.35
CA GLN A 145 11.55 -10.48 27.62
C GLN A 145 12.36 -9.40 28.30
N ALA A 146 13.04 -8.62 27.51
CA ALA A 146 13.85 -7.52 28.03
C ALA A 146 13.05 -6.45 28.68
N GLY A 147 11.74 -6.60 28.68
CA GLY A 147 10.86 -5.74 29.42
C GLY A 147 10.39 -4.57 28.60
N THR A 148 10.29 -4.71 27.29
CA THR A 148 9.74 -3.60 26.55
C THR A 148 8.58 -4.12 25.72
N GLU A 149 7.65 -3.27 25.34
CA GLU A 149 6.52 -3.68 24.49
C GLU A 149 7.00 -4.51 23.30
N GLN A 150 6.22 -5.50 22.93
CA GLN A 150 6.63 -6.36 21.86
C GLN A 150 6.56 -5.72 20.49
N LEU A 151 7.63 -5.80 19.72
CA LEU A 151 7.64 -5.22 18.39
C LEU A 151 6.59 -5.88 17.48
N LEU A 152 5.99 -5.09 16.61
CA LEU A 152 4.96 -5.59 15.72
C LEU A 152 5.58 -6.18 14.49
N LEU A 153 4.82 -6.99 13.77
CA LEU A 153 5.31 -7.61 12.55
C LEU A 153 4.22 -7.78 11.52
N SER A 154 4.39 -7.21 10.34
CA SER A 154 3.32 -7.25 9.34
C SER A 154 3.92 -7.41 8.00
N ALA A 155 3.06 -7.74 7.05
CA ALA A 155 3.45 -7.98 5.66
C ALA A 155 2.40 -7.50 4.64
N ALA A 156 2.92 -7.04 3.51
CA ALA A 156 2.10 -6.55 2.40
C ALA A 156 2.11 -7.68 1.40
N VAL A 157 0.93 -8.24 1.18
CA VAL A 157 0.74 -9.39 0.33
C VAL A 157 0.06 -9.00 -0.98
N SER A 158 0.36 -9.76 -2.02
CA SER A 158 -0.31 -9.48 -3.28
C SER A 158 -1.74 -9.94 -3.22
N ALA A 159 -2.57 -9.36 -4.06
CA ALA A 159 -3.96 -9.75 -4.08
C ALA A 159 -4.25 -10.52 -5.32
N GLY A 160 -3.22 -10.90 -6.04
CA GLY A 160 -3.40 -11.66 -7.27
C GLY A 160 -3.44 -13.16 -7.00
N LYS A 161 -4.56 -13.78 -7.39
CA LYS A 161 -4.87 -15.22 -7.21
C LYS A 161 -3.66 -16.08 -7.51
N ILE A 162 -3.19 -15.95 -8.71
CA ILE A 162 -2.01 -16.67 -9.07
C ILE A 162 -0.89 -16.33 -8.13
N ALA A 163 -0.61 -15.03 -7.99
CA ALA A 163 0.45 -14.54 -7.10
C ALA A 163 0.43 -15.18 -5.71
N ILE A 164 -0.72 -15.14 -5.10
CA ILE A 164 -0.86 -15.64 -3.79
C ILE A 164 -0.58 -17.12 -3.78
N ASP A 165 -1.26 -17.84 -4.70
CA ASP A 165 -1.16 -19.32 -4.87
C ASP A 165 0.24 -19.75 -5.19
N ARG A 166 0.97 -18.93 -5.94
CA ARG A 166 2.37 -19.21 -6.32
C ARG A 166 3.38 -19.06 -5.17
N GLY A 167 3.28 -18.01 -4.41
CA GLY A 167 4.30 -17.85 -3.38
C GLY A 167 3.87 -17.56 -1.98
N TYR A 168 2.61 -17.77 -1.63
CA TYR A 168 2.15 -17.50 -0.26
C TYR A 168 1.52 -18.69 0.48
N ASP A 169 2.04 -18.97 1.64
CA ASP A 169 1.50 -19.95 2.50
C ASP A 169 0.64 -19.20 3.52
N ILE A 170 -0.42 -18.57 3.09
CA ILE A 170 -1.27 -17.78 3.98
C ILE A 170 -1.57 -18.39 5.38
N ALA A 171 -2.18 -19.56 5.38
CA ALA A 171 -2.48 -20.31 6.58
C ALA A 171 -1.45 -20.20 7.66
N GLN A 172 -0.20 -20.46 7.32
CA GLN A 172 0.89 -20.30 8.26
C GLN A 172 1.11 -18.84 8.59
N ILE A 173 1.42 -18.02 7.60
CA ILE A 173 1.95 -16.70 7.86
C ILE A 173 0.98 -15.85 8.58
N SER A 174 -0.27 -16.27 8.58
CA SER A 174 -1.36 -15.47 9.11
C SER A 174 -1.37 -15.54 10.54
N ARG A 175 -0.90 -16.65 11.11
CA ARG A 175 -0.86 -16.80 12.59
C ARG A 175 0.37 -16.27 13.26
N HIS A 176 1.28 -15.69 12.50
CA HIS A 176 2.47 -15.10 13.06
C HIS A 176 2.46 -13.60 12.93
N LEU A 177 2.06 -13.12 11.76
CA LEU A 177 2.03 -11.73 11.46
C LEU A 177 0.94 -11.05 12.27
N ASP A 178 1.26 -9.90 12.84
CA ASP A 178 0.28 -9.14 13.61
C ASP A 178 -0.89 -8.64 12.76
N PHE A 179 -0.59 -8.43 11.49
CA PHE A 179 -1.56 -8.07 10.43
C PHE A 179 -0.98 -8.13 8.99
N ILE A 180 -1.89 -8.39 8.05
CA ILE A 180 -1.65 -8.55 6.64
C ILE A 180 -2.30 -7.46 5.81
N SER A 181 -1.49 -6.76 5.01
CA SER A 181 -2.01 -5.76 4.09
C SER A 181 -2.20 -6.30 2.73
N LEU A 182 -3.42 -6.20 2.23
CA LEU A 182 -3.78 -6.67 0.89
C LEU A 182 -3.64 -5.60 -0.18
N LEU A 183 -2.78 -5.80 -1.17
CA LEU A 183 -2.55 -4.74 -2.18
C LEU A 183 -3.62 -4.82 -3.21
N THR A 184 -4.80 -4.41 -2.82
CA THR A 184 -5.94 -4.48 -3.70
C THR A 184 -6.00 -3.33 -4.69
N TYR A 185 -4.93 -3.08 -5.42
CA TYR A 185 -4.99 -1.99 -6.38
C TYR A 185 -4.07 -2.18 -7.55
N ASP A 186 -3.70 -3.39 -7.83
CA ASP A 186 -2.79 -3.61 -8.93
C ASP A 186 -3.30 -4.70 -9.81
N PHE A 187 -4.53 -4.52 -10.24
CA PHE A 187 -5.19 -5.52 -11.04
C PHE A 187 -5.15 -5.18 -12.54
N HIS A 188 -4.29 -4.27 -12.94
CA HIS A 188 -4.24 -3.92 -14.35
C HIS A 188 -3.02 -3.08 -14.50
N GLY A 189 -2.61 -2.85 -15.74
CA GLY A 189 -1.44 -2.03 -16.01
C GLY A 189 -1.27 -1.87 -17.51
N ALA A 190 -0.38 -0.95 -17.94
CA ALA A 190 -0.13 -0.69 -19.38
C ALA A 190 0.31 -1.95 -20.10
N TRP A 191 0.76 -2.94 -19.33
CA TRP A 191 1.16 -4.24 -19.86
C TRP A 191 0.00 -4.97 -20.52
N ARG A 192 -1.19 -4.38 -20.42
CA ARG A 192 -2.41 -4.88 -21.07
C ARG A 192 -2.83 -3.86 -22.15
N GLN A 193 -2.55 -4.19 -23.38
CA GLN A 193 -2.83 -3.32 -24.48
C GLN A 193 -4.13 -2.55 -24.40
N THR A 194 -5.01 -2.78 -23.44
CA THR A 194 -6.25 -2.01 -23.41
C THR A 194 -6.57 -1.40 -22.09
N VAL A 195 -7.50 -0.45 -22.09
CA VAL A 195 -7.89 0.28 -20.91
C VAL A 195 -8.51 -0.60 -19.85
N GLY A 196 -8.35 -0.22 -18.58
CA GLY A 196 -8.88 -0.97 -17.45
C GLY A 196 -8.71 -0.29 -16.10
N HIS A 197 -9.59 -0.56 -15.13
CA HIS A 197 -9.49 0.03 -13.79
C HIS A 197 -8.63 -0.88 -12.91
N HIS A 198 -7.68 -0.31 -12.20
CA HIS A 198 -6.75 -1.10 -11.41
C HIS A 198 -7.19 -1.42 -10.00
N SER A 199 -8.18 -0.73 -9.46
CA SER A 199 -8.59 -1.02 -8.10
C SER A 199 -10.06 -1.11 -8.01
N PRO A 200 -10.63 -2.00 -8.78
CA PRO A 200 -12.10 -2.19 -8.75
C PRO A 200 -12.57 -2.91 -7.56
N LEU A 201 -13.79 -2.61 -7.09
CA LEU A 201 -14.38 -3.26 -5.91
C LEU A 201 -14.94 -4.66 -6.21
N PHE A 202 -15.76 -4.74 -7.28
CA PHE A 202 -16.43 -5.94 -7.72
C PHE A 202 -15.96 -6.39 -9.08
N ALA A 203 -16.31 -7.63 -9.46
CA ALA A 203 -15.94 -8.21 -10.75
C ALA A 203 -16.63 -7.52 -11.89
N GLY A 204 -17.83 -7.01 -11.65
CA GLY A 204 -18.53 -6.32 -12.72
C GLY A 204 -18.98 -7.23 -13.86
N ASN A 205 -20.26 -7.59 -13.77
CA ASN A 205 -20.92 -8.47 -14.71
C ASN A 205 -20.69 -8.25 -16.20
N GLU A 206 -20.05 -7.21 -16.73
CA GLU A 206 -19.93 -7.39 -18.18
C GLU A 206 -18.67 -8.25 -18.55
N ASP A 207 -17.45 -7.96 -18.10
CA ASP A 207 -16.34 -8.87 -18.46
C ASP A 207 -16.28 -10.03 -17.45
N ALA A 208 -15.76 -11.21 -17.88
CA ALA A 208 -15.68 -12.41 -17.01
C ALA A 208 -14.38 -13.24 -17.17
N SER A 209 -13.32 -12.59 -17.61
CA SER A 209 -12.03 -13.24 -17.81
C SER A 209 -11.19 -13.22 -16.53
N SER A 210 -11.10 -12.03 -15.90
CA SER A 210 -10.32 -11.81 -14.69
C SER A 210 -11.29 -11.51 -13.57
N ARG A 211 -12.08 -12.58 -13.23
CA ARG A 211 -12.87 -12.20 -12.07
C ARG A 211 -12.00 -12.13 -10.84
N PHE A 212 -11.04 -13.03 -10.71
CA PHE A 212 -10.17 -12.98 -9.55
C PHE A 212 -9.50 -11.58 -9.37
N SER A 213 -9.65 -10.67 -10.34
CA SER A 213 -9.07 -9.33 -10.31
C SER A 213 -10.00 -8.21 -9.72
N ASN A 214 -10.34 -8.28 -8.44
CA ASN A 214 -11.10 -7.27 -7.75
C ASN A 214 -10.97 -7.46 -6.24
N ALA A 215 -11.08 -6.39 -5.48
CA ALA A 215 -10.93 -6.51 -4.05
C ALA A 215 -11.85 -7.62 -3.48
N ASP A 216 -13.10 -7.64 -3.90
CA ASP A 216 -13.99 -8.63 -3.34
C ASP A 216 -13.47 -10.05 -3.48
N TYR A 217 -13.13 -10.46 -4.70
CA TYR A 217 -12.62 -11.83 -4.86
C TYR A 217 -11.39 -12.06 -3.98
N ALA A 218 -10.56 -11.02 -3.88
CA ALA A 218 -9.33 -11.16 -3.16
C ALA A 218 -9.67 -11.48 -1.72
N VAL A 219 -10.44 -10.61 -1.13
CA VAL A 219 -10.81 -10.83 0.26
C VAL A 219 -11.42 -12.22 0.46
N SER A 220 -12.57 -12.41 -0.15
CA SER A 220 -13.26 -13.68 -0.02
C SER A 220 -12.31 -14.85 -0.20
N TYR A 221 -11.25 -14.68 -0.98
CA TYR A 221 -10.33 -15.80 -1.26
C TYR A 221 -9.44 -15.99 -0.05
N MET A 222 -8.73 -14.95 0.33
CA MET A 222 -7.83 -14.95 1.48
C MET A 222 -8.54 -15.56 2.62
N LEU A 223 -9.82 -15.28 2.80
CA LEU A 223 -10.51 -15.86 3.92
C LEU A 223 -10.53 -17.39 3.80
N ARG A 224 -10.78 -17.85 2.59
CA ARG A 224 -10.86 -19.28 2.35
C ARG A 224 -9.53 -19.93 2.65
N LEU A 225 -8.46 -19.34 2.20
CA LEU A 225 -7.18 -19.94 2.40
C LEU A 225 -6.83 -20.05 3.85
N GLY A 226 -7.57 -19.35 4.71
CA GLY A 226 -7.31 -19.46 6.16
C GLY A 226 -7.06 -18.21 6.97
N ALA A 227 -6.71 -17.14 6.31
CA ALA A 227 -6.47 -15.92 7.04
C ALA A 227 -7.76 -15.40 7.77
N PRO A 228 -7.68 -15.02 9.00
CA PRO A 228 -8.84 -14.47 9.69
C PRO A 228 -9.01 -13.05 9.38
N ALA A 229 -10.24 -12.61 9.53
CA ALA A 229 -10.66 -11.28 9.24
C ALA A 229 -10.08 -10.32 10.25
N ASN A 230 -9.65 -10.79 11.42
CA ASN A 230 -9.13 -9.82 12.41
C ASN A 230 -7.68 -9.48 12.16
N LYS A 231 -7.11 -10.05 11.10
CA LYS A 231 -5.72 -9.74 10.73
C LYS A 231 -5.64 -9.13 9.32
N LEU A 232 -6.79 -8.91 8.70
CA LEU A 232 -6.84 -8.44 7.36
C LEU A 232 -7.12 -6.94 7.26
N VAL A 233 -6.33 -6.27 6.42
CA VAL A 233 -6.49 -4.86 6.13
C VAL A 233 -6.45 -4.71 4.60
N MET A 234 -7.53 -4.10 4.07
CA MET A 234 -7.68 -3.87 2.65
C MET A 234 -6.99 -2.62 2.15
N GLY A 235 -6.23 -2.78 1.12
CA GLY A 235 -5.54 -1.65 0.53
C GLY A 235 -6.41 -0.74 -0.28
N ILE A 236 -6.19 0.53 -0.09
CA ILE A 236 -6.90 1.54 -0.82
C ILE A 236 -5.92 2.50 -1.38
N PRO A 237 -5.85 2.63 -2.70
CA PRO A 237 -4.89 3.50 -3.37
C PRO A 237 -5.38 4.94 -3.37
N THR A 238 -4.43 5.85 -3.35
CA THR A 238 -4.73 7.22 -3.29
C THR A 238 -4.15 7.92 -4.53
N PHE A 239 -3.85 7.10 -5.54
CA PHE A 239 -3.31 7.57 -6.79
C PHE A 239 -4.19 7.07 -7.88
N GLY A 240 -3.79 7.27 -9.12
CA GLY A 240 -4.56 6.75 -10.22
C GLY A 240 -3.67 6.22 -11.28
N ARG A 241 -4.18 5.38 -12.15
CA ARG A 241 -3.44 4.85 -13.29
C ARG A 241 -4.00 5.51 -14.54
N SER A 242 -3.09 6.08 -15.33
CA SER A 242 -3.44 6.81 -16.52
C SER A 242 -2.88 6.17 -17.76
N PHE A 243 -3.57 6.32 -18.88
CA PHE A 243 -3.13 5.75 -20.14
C PHE A 243 -3.25 6.80 -21.24
N THR A 244 -2.57 6.55 -22.35
CA THR A 244 -2.66 7.42 -23.50
C THR A 244 -3.44 6.60 -24.51
N LEU A 245 -4.59 7.12 -24.92
CA LEU A 245 -5.51 6.44 -25.79
C LEU A 245 -4.93 6.24 -27.18
N ALA A 246 -5.10 5.05 -27.74
CA ALA A 246 -4.60 4.80 -29.09
C ALA A 246 -5.72 5.04 -30.11
N SER A 247 -6.80 5.66 -29.68
CA SER A 247 -7.93 5.99 -30.56
C SER A 247 -8.93 6.87 -29.78
N SER A 248 -9.93 7.39 -30.48
CA SER A 248 -10.94 8.26 -29.85
C SER A 248 -11.85 7.45 -28.95
N LYS A 249 -11.68 6.14 -29.03
CA LYS A 249 -12.45 5.24 -28.22
C LYS A 249 -12.12 5.43 -26.73
N THR A 250 -13.17 5.67 -25.94
CA THR A 250 -13.06 5.93 -24.48
C THR A 250 -13.79 4.91 -23.59
N ASP A 251 -14.84 4.27 -24.10
CA ASP A 251 -15.58 3.30 -23.30
C ASP A 251 -14.73 2.08 -22.93
N VAL A 252 -15.27 1.22 -22.07
CA VAL A 252 -14.57 0.02 -21.63
C VAL A 252 -13.94 -0.73 -22.81
N GLY A 253 -12.65 -1.11 -22.67
CA GLY A 253 -11.95 -1.87 -23.71
C GLY A 253 -11.32 -1.05 -24.83
N ALA A 254 -11.36 0.28 -24.74
CA ALA A 254 -10.75 1.15 -25.73
C ALA A 254 -9.26 0.85 -25.77
N PRO A 255 -8.66 0.79 -26.93
CA PRO A 255 -7.25 0.42 -27.05
C PRO A 255 -6.24 1.41 -26.45
N VAL A 256 -5.15 0.91 -25.95
CA VAL A 256 -4.25 1.82 -25.28
C VAL A 256 -3.05 1.86 -26.12
N SER A 257 -2.39 2.99 -26.18
CA SER A 257 -1.15 3.11 -26.92
C SER A 257 0.00 3.11 -25.98
N GLY A 258 -0.23 3.31 -24.69
CA GLY A 258 0.87 3.30 -23.74
C GLY A 258 0.39 4.03 -22.51
N PRO A 259 1.26 4.14 -21.50
CA PRO A 259 0.87 4.82 -20.29
C PRO A 259 0.61 6.28 -20.50
N GLY A 260 0.12 6.95 -19.47
CA GLY A 260 -0.13 8.37 -19.52
C GLY A 260 1.11 9.24 -19.32
N VAL A 261 0.89 10.49 -19.69
CA VAL A 261 1.88 11.53 -19.52
C VAL A 261 2.10 11.66 -18.04
N PRO A 262 3.30 12.01 -17.69
CA PRO A 262 3.69 12.22 -16.30
C PRO A 262 2.93 13.37 -15.70
N GLY A 263 3.00 13.39 -14.37
CA GLY A 263 2.40 14.45 -13.63
C GLY A 263 3.33 15.60 -13.41
N ARG A 264 2.76 16.78 -13.21
CA ARG A 264 3.64 17.93 -12.98
C ARG A 264 4.62 17.62 -11.83
N PHE A 265 4.05 17.09 -10.77
CA PHE A 265 4.74 16.82 -9.56
C PHE A 265 5.20 15.37 -9.43
N THR A 266 4.36 14.42 -9.74
CA THR A 266 4.78 13.06 -9.42
C THR A 266 5.78 12.64 -10.48
N LYS A 267 5.90 13.44 -11.50
CA LYS A 267 6.81 13.15 -12.61
C LYS A 267 7.02 11.70 -12.90
N GLU A 268 6.01 11.01 -13.38
CA GLU A 268 6.22 9.60 -13.68
C GLU A 268 5.04 9.00 -14.41
N LYS A 269 5.37 8.47 -15.60
CA LYS A 269 4.42 7.86 -16.50
C LYS A 269 3.59 6.78 -15.83
N GLY A 270 2.33 6.76 -16.24
CA GLY A 270 1.33 5.79 -15.82
C GLY A 270 0.73 6.05 -14.47
N ILE A 271 1.25 7.02 -13.75
CA ILE A 271 0.72 7.18 -12.44
C ILE A 271 0.45 8.64 -12.08
N LEU A 272 -0.51 8.90 -11.20
CA LEU A 272 -0.88 10.28 -10.85
C LEU A 272 -1.43 10.44 -9.46
N ALA A 273 -0.84 11.35 -8.71
CA ALA A 273 -1.27 11.64 -7.34
C ALA A 273 -2.70 12.11 -7.39
N TYR A 274 -3.46 11.93 -6.33
CA TYR A 274 -4.85 12.37 -6.28
C TYR A 274 -4.90 13.87 -6.50
N TYR A 275 -4.12 14.63 -5.74
CA TYR A 275 -4.14 16.07 -5.87
C TYR A 275 -3.83 16.53 -7.30
N GLU A 276 -3.06 15.73 -8.03
CA GLU A 276 -2.75 16.04 -9.45
C GLU A 276 -4.00 15.71 -10.22
N ILE A 277 -4.66 14.64 -9.85
CA ILE A 277 -5.86 14.26 -10.53
C ILE A 277 -6.91 15.30 -10.38
N CYS A 278 -6.90 15.95 -9.23
CA CYS A 278 -7.83 17.04 -8.91
C CYS A 278 -7.76 18.19 -9.89
N ASP A 279 -6.54 18.45 -10.35
CA ASP A 279 -6.29 19.50 -11.31
C ASP A 279 -6.76 18.96 -12.64
N PHE A 280 -6.35 17.76 -12.97
CA PHE A 280 -6.69 17.12 -14.23
C PHE A 280 -8.13 17.11 -14.45
N LEU A 281 -8.82 16.67 -13.45
CA LEU A 281 -10.24 16.59 -13.58
C LEU A 281 -10.90 17.82 -14.27
N HIS A 282 -10.33 19.01 -14.11
CA HIS A 282 -10.86 20.24 -14.71
C HIS A 282 -10.76 20.20 -16.22
N GLY A 283 -11.92 20.11 -16.87
CA GLY A 283 -11.96 20.08 -18.30
C GLY A 283 -12.00 18.65 -18.74
N ALA A 284 -12.10 17.75 -17.78
CA ALA A 284 -12.16 16.36 -18.10
C ALA A 284 -13.62 15.93 -18.04
N THR A 285 -13.88 14.73 -18.51
CA THR A 285 -15.18 14.15 -18.48
C THR A 285 -15.14 12.98 -17.48
N THR A 286 -16.06 12.93 -16.55
CA THR A 286 -16.01 11.87 -15.55
C THR A 286 -17.10 10.85 -15.72
N HIS A 287 -16.72 9.59 -15.69
CA HIS A 287 -17.69 8.51 -15.75
C HIS A 287 -17.46 7.65 -14.52
N ARG A 288 -18.15 6.49 -14.44
CA ARG A 288 -17.95 5.58 -13.32
C ARG A 288 -18.53 4.21 -13.62
N PHE A 289 -17.68 3.18 -13.54
CA PHE A 289 -18.14 1.81 -13.68
C PHE A 289 -19.04 1.57 -12.50
N ARG A 290 -20.34 1.76 -12.70
CA ARG A 290 -21.36 1.51 -11.66
C ARG A 290 -21.27 0.05 -11.21
N ASP A 291 -20.89 -0.80 -12.15
CA ASP A 291 -20.79 -2.23 -11.87
C ASP A 291 -19.71 -2.53 -10.80
N GLN A 292 -18.54 -1.94 -10.99
CA GLN A 292 -17.43 -2.12 -10.08
C GLN A 292 -17.24 -0.98 -9.09
N GLN A 293 -18.19 -0.07 -9.03
CA GLN A 293 -18.11 1.00 -8.06
C GLN A 293 -16.85 1.89 -8.06
N VAL A 294 -16.38 2.33 -9.21
CA VAL A 294 -15.19 3.16 -9.26
C VAL A 294 -15.25 4.10 -10.43
N PRO A 295 -14.64 5.27 -10.36
CA PRO A 295 -14.62 6.17 -11.51
C PRO A 295 -13.40 6.13 -12.46
N TYR A 296 -13.59 6.88 -13.54
CA TYR A 296 -12.57 7.08 -14.58
C TYR A 296 -12.83 8.36 -15.29
N ALA A 297 -11.76 9.05 -15.67
CA ALA A 297 -11.90 10.31 -16.37
C ALA A 297 -11.08 10.19 -17.62
N THR A 298 -11.30 11.14 -18.53
CA THR A 298 -10.66 11.22 -19.83
C THR A 298 -10.58 12.71 -20.22
N LYS A 299 -9.53 13.05 -20.97
CA LYS A 299 -9.35 14.42 -21.39
C LYS A 299 -8.40 14.29 -22.53
N GLY A 300 -8.83 14.54 -23.75
CA GLY A 300 -7.87 14.44 -24.82
C GLY A 300 -7.59 12.97 -25.07
N ASN A 301 -6.32 12.58 -25.13
CA ASN A 301 -5.93 11.20 -25.35
C ASN A 301 -5.43 10.59 -24.03
N GLN A 302 -5.94 11.14 -22.93
CA GLN A 302 -5.60 10.73 -21.59
C GLN A 302 -6.81 10.15 -20.86
N TRP A 303 -6.70 8.85 -20.59
CA TRP A 303 -7.73 8.12 -19.87
C TRP A 303 -7.17 7.78 -18.51
N VAL A 304 -7.88 8.18 -17.47
CA VAL A 304 -7.46 7.93 -16.12
C VAL A 304 -8.49 7.18 -15.34
N ALA A 305 -8.02 6.20 -14.57
CA ALA A 305 -8.84 5.40 -13.64
C ALA A 305 -8.37 5.71 -12.22
N TYR A 306 -9.26 6.19 -11.35
CA TYR A 306 -8.92 6.57 -9.99
C TYR A 306 -9.98 6.34 -8.98
N ASP A 307 -9.63 6.62 -7.73
CA ASP A 307 -10.57 6.53 -6.63
C ASP A 307 -10.96 7.90 -6.05
N ASP A 308 -12.24 8.13 -5.98
CA ASP A 308 -12.70 9.32 -5.35
C ASP A 308 -13.32 8.98 -3.97
N GLN A 309 -13.47 10.00 -3.13
CA GLN A 309 -14.04 9.90 -1.80
C GLN A 309 -15.19 8.96 -1.79
N GLU A 310 -16.03 9.06 -2.81
CA GLU A 310 -17.16 8.13 -2.91
C GLU A 310 -16.67 6.64 -3.00
N SER A 311 -15.98 6.32 -4.05
CA SER A 311 -15.47 5.02 -4.20
C SER A 311 -14.68 4.59 -3.01
N VAL A 312 -14.06 5.50 -2.36
CA VAL A 312 -13.23 5.09 -1.24
C VAL A 312 -14.06 4.74 -0.02
N LYS A 313 -15.11 5.49 0.22
CA LYS A 313 -15.92 5.24 1.37
C LYS A 313 -16.60 3.96 1.06
N ASN A 314 -17.00 3.84 -0.17
CA ASN A 314 -17.66 2.64 -0.58
C ASN A 314 -16.85 1.44 -0.17
N LYS A 315 -15.58 1.40 -0.55
CA LYS A 315 -14.75 0.28 -0.18
C LYS A 315 -14.73 0.19 1.30
N ALA A 316 -14.62 1.33 1.99
CA ALA A 316 -14.56 1.34 3.46
C ALA A 316 -15.72 0.64 4.13
N ARG A 317 -16.89 0.83 3.58
CA ARG A 317 -18.00 0.13 4.16
C ARG A 317 -17.74 -1.35 3.90
N TYR A 318 -17.26 -1.71 2.73
CA TYR A 318 -17.11 -3.11 2.40
C TYR A 318 -16.38 -3.87 3.44
N LEU A 319 -15.20 -3.38 3.84
CA LEU A 319 -14.41 -4.12 4.82
C LEU A 319 -15.15 -4.20 6.14
N LYS A 320 -16.06 -3.26 6.36
CA LYS A 320 -16.78 -3.22 7.64
C LYS A 320 -17.80 -4.32 7.64
N ASN A 321 -18.37 -4.59 6.47
CA ASN A 321 -19.38 -5.62 6.31
C ASN A 321 -18.81 -7.03 6.33
N ARG A 322 -17.52 -7.18 6.02
CA ARG A 322 -16.85 -8.49 6.11
C ARG A 322 -16.13 -8.63 7.40
N GLN A 323 -16.22 -7.63 8.23
CA GLN A 323 -15.56 -7.66 9.50
C GLN A 323 -14.08 -7.80 9.38
N LEU A 324 -13.42 -6.88 8.72
CA LEU A 324 -11.99 -6.97 8.62
C LEU A 324 -11.29 -6.09 9.67
N ALA A 325 -10.02 -6.34 9.84
CA ALA A 325 -9.27 -5.60 10.80
C ALA A 325 -9.26 -4.15 10.47
N GLY A 326 -8.97 -3.74 9.23
CA GLY A 326 -8.96 -2.31 8.98
C GLY A 326 -8.72 -1.93 7.54
N ALA A 327 -8.26 -0.70 7.37
CA ALA A 327 -7.99 -0.21 6.04
C ALA A 327 -6.55 0.15 5.92
N MET A 328 -6.07 0.09 4.69
CA MET A 328 -4.77 0.52 4.35
C MET A 328 -4.82 1.47 3.12
N VAL A 329 -4.13 2.57 3.32
CA VAL A 329 -3.95 3.55 2.28
C VAL A 329 -2.53 3.66 1.80
N TRP A 330 -2.35 3.37 0.52
CA TRP A 330 -1.05 3.48 -0.09
C TRP A 330 -0.79 4.87 -0.61
N ALA A 331 0.14 5.49 0.12
CA ALA A 331 0.73 6.78 -0.04
C ALA A 331 -0.03 7.94 0.54
N LEU A 332 0.41 8.47 1.67
CA LEU A 332 -0.19 9.72 2.22
C LEU A 332 0.34 10.79 1.37
N ASP A 333 1.59 10.69 0.96
CA ASP A 333 2.18 11.73 0.12
C ASP A 333 1.43 11.94 -1.18
N LEU A 334 0.61 10.96 -1.52
CA LEU A 334 -0.12 11.01 -2.77
C LEU A 334 -1.49 11.62 -2.61
N ASP A 335 -1.96 11.72 -1.37
CA ASP A 335 -3.26 12.30 -1.08
C ASP A 335 -3.08 13.83 -1.14
N ASP A 336 -4.15 14.60 -0.98
CA ASP A 336 -3.99 16.02 -0.99
C ASP A 336 -3.58 16.52 0.40
N PHE A 337 -2.40 16.05 0.83
CA PHE A 337 -1.87 16.39 2.13
C PHE A 337 -1.93 17.87 2.46
N ARG A 338 -1.75 18.76 1.51
CA ARG A 338 -1.88 20.20 1.83
C ARG A 338 -3.33 20.61 1.76
N GLY A 339 -4.13 19.85 1.06
CA GLY A 339 -5.54 20.21 0.97
C GLY A 339 -5.82 21.49 0.17
N THR A 340 -4.98 21.81 -0.79
CA THR A 340 -5.19 23.01 -1.60
C THR A 340 -5.51 22.77 -3.09
N PHE A 341 -5.24 21.55 -3.56
CA PHE A 341 -5.49 21.13 -4.91
C PHE A 341 -6.93 20.70 -5.11
N CYS A 342 -7.56 20.01 -4.17
CA CYS A 342 -8.90 19.52 -4.40
C CYS A 342 -9.90 20.38 -3.72
N GLY A 343 -10.55 21.23 -4.52
CA GLY A 343 -11.56 22.17 -4.04
C GLY A 343 -11.61 22.33 -2.55
N GLN A 344 -12.60 21.68 -1.94
CA GLN A 344 -12.79 21.73 -0.47
C GLN A 344 -11.51 21.96 0.30
N ASN A 345 -11.62 22.78 1.33
CA ASN A 345 -10.48 23.14 2.10
C ASN A 345 -10.28 22.06 3.19
N LEU A 346 -10.07 20.83 2.74
CA LEU A 346 -9.87 19.70 3.62
C LEU A 346 -8.49 19.11 3.38
N THR A 347 -7.84 18.71 4.46
CA THR A 347 -6.54 18.11 4.30
C THR A 347 -6.61 16.55 4.22
N PHE A 348 -5.83 15.92 3.38
CA PHE A 348 -5.93 14.49 3.29
C PHE A 348 -7.37 14.11 3.07
N PRO A 349 -7.99 14.67 2.08
CA PRO A 349 -9.40 14.34 1.84
C PRO A 349 -9.72 12.82 1.76
N LEU A 350 -9.14 12.10 0.83
CA LEU A 350 -9.36 10.67 0.74
C LEU A 350 -9.13 9.91 2.04
N THR A 351 -7.91 9.91 2.55
CA THR A 351 -7.66 9.16 3.80
C THR A 351 -8.67 9.56 4.84
N SER A 352 -9.22 10.76 4.78
CA SER A 352 -10.24 11.12 5.75
C SER A 352 -11.60 10.41 5.55
N ALA A 353 -11.96 10.32 4.28
CA ALA A 353 -13.20 9.69 3.89
C ALA A 353 -13.24 8.32 4.46
N VAL A 354 -12.13 7.60 4.37
CA VAL A 354 -12.10 6.25 4.90
C VAL A 354 -12.15 6.24 6.44
N LYS A 355 -11.50 7.21 7.05
CA LYS A 355 -11.44 7.30 8.49
C LYS A 355 -12.81 7.57 9.00
N ASP A 356 -13.52 8.46 8.34
CA ASP A 356 -14.86 8.83 8.78
C ASP A 356 -15.79 7.66 8.69
N VAL A 357 -15.62 6.81 7.69
CA VAL A 357 -16.46 5.62 7.62
C VAL A 357 -16.06 4.69 8.75
N LEU A 358 -14.79 4.38 8.87
CA LEU A 358 -14.36 3.44 9.88
C LEU A 358 -14.69 3.93 11.25
N ALA A 359 -14.74 5.23 11.41
CA ALA A 359 -15.07 5.80 12.72
C ALA A 359 -16.54 5.59 13.07
N GLU A 360 -17.30 5.20 12.06
CA GLU A 360 -18.73 4.87 12.20
C GLU A 360 -18.79 3.42 12.72
N VAL A 361 -19.98 2.91 12.99
CA VAL A 361 -20.14 1.53 13.42
C VAL A 361 -20.35 0.64 12.17
C1 NAG B . 20.86 -0.76 -0.66
C2 NAG B . 21.34 0.69 -0.83
C3 NAG B . 22.28 0.84 -1.98
C4 NAG B . 23.22 -0.34 -2.09
C5 NAG B . 22.49 -1.64 -1.85
C6 NAG B . 23.43 -2.80 -1.83
C7 NAG B . 20.54 2.95 -0.43
C8 NAG B . 19.90 4.18 -0.93
N2 NAG B . 20.34 1.76 -1.02
O3 NAG B . 22.99 2.03 -1.72
O4 NAG B . 23.64 -0.42 -3.44
O5 NAG B . 21.90 -1.68 -0.62
O6 NAG B . 23.98 -2.81 -0.53
O7 NAG B . 21.26 3.15 0.53
C1 NDG B . 24.85 -1.15 -3.49
C2 NDG B . 24.87 -2.58 -4.18
C3 NDG B . 26.23 -3.08 -3.79
C4 NDG B . 27.18 -1.91 -4.05
C5 NDG B . 27.09 -1.07 -2.79
C6 NDG B . 27.78 0.28 -3.07
C7 NDG B . 23.70 -4.64 -4.89
C8 NDG B . 23.88 -6.11 -4.59
O5 NDG B . 25.72 -1.09 -2.36
O3 NDG B . 26.48 -4.26 -4.52
O4 NDG B . 28.53 -2.26 -4.13
O6 NDG B . 27.89 1.18 -1.99
O7 NDG B . 23.25 -4.33 -5.99
N2 NDG B . 24.00 -3.72 -3.95
C1 BMA B . 29.35 -2.25 -5.37
C2 BMA B . 30.37 -3.31 -4.98
C3 BMA B . 31.70 -2.82 -5.51
C4 BMA B . 31.56 -2.67 -7.02
C5 BMA B . 30.36 -1.84 -7.50
C6 BMA B . 30.10 -2.08 -9.00
O2 BMA B . 30.05 -4.59 -5.50
O3 BMA B . 32.67 -3.78 -5.18
O4 BMA B . 32.71 -2.04 -7.55
O5 BMA B . 29.18 -1.99 -6.75
O6 BMA B . 29.16 -1.23 -9.62
C1 BMA B . 33.43 -3.46 -3.98
C2 BMA B . 34.75 -2.78 -4.44
C3 BMA B . 35.64 -2.49 -3.24
C4 BMA B . 34.81 -1.98 -2.11
C5 BMA B . 33.65 -2.88 -1.69
C6 BMA B . 32.78 -2.18 -0.67
O2 BMA B . 34.48 -1.62 -5.20
O3 BMA B . 36.63 -1.51 -3.51
O4 BMA B . 35.65 -2.07 -1.01
O5 BMA B . 32.83 -3.38 -2.71
O6 BMA B . 31.55 -2.87 -0.57
C1 BMA B . 35.54 -0.93 -0.15
C2 BMA B . 37.00 -0.44 -0.04
C3 BMA B . 37.14 0.79 0.84
C4 BMA B . 35.95 1.73 0.58
C5 BMA B . 34.53 1.10 0.60
C6 BMA B . 33.50 2.02 -0.06
O2 BMA B . 37.57 -0.23 -1.33
O3 BMA B . 38.38 1.44 0.59
O4 BMA B . 35.99 2.71 1.59
O5 BMA B . 34.34 -0.22 0.13
O6 BMA B . 32.48 1.22 -0.63
#